data_3GWL
#
_entry.id   3GWL
#
_cell.length_a   46.450
_cell.length_b   69.000
_cell.length_c   83.680
_cell.angle_alpha   90.00
_cell.angle_beta   90.00
_cell.angle_gamma   90.00
#
_symmetry.space_group_name_H-M   'P 21 21 21'
#
loop_
_entity.id
_entity.type
_entity.pdbx_description
1 polymer 'FAD-linked sulfhydryl oxidase'
2 non-polymer 'FLAVIN-ADENINE DINUCLEOTIDE'
3 water water
#
_entity_poly.entity_id   1
_entity_poly.type   'polypeptide(L)'
_entity_poly.pdbx_seq_one_letter_code
;GSHMLHWGPKYWRSLHLYAIFFSDAPSWKEKYEAIQWILNFIESLPCTRCQHHAFSYLTKNPLTLNNSEDFQYWTFAFHN
NVNNRLNKKIISWSEYKNIYEQSILK
;
_entity_poly.pdbx_strand_id   A,B
#
loop_
_chem_comp.id
_chem_comp.type
_chem_comp.name
_chem_comp.formula
FAD non-polymer 'FLAVIN-ADENINE DINUCLEOTIDE' 'C27 H33 N9 O15 P2'
#
# COMPACT_ATOMS: atom_id res chain seq x y z
N GLY A 1 20.89 13.21 11.51
CA GLY A 1 20.04 12.19 12.16
C GLY A 1 18.57 12.45 11.89
N SER A 2 17.77 11.38 11.93
CA SER A 2 16.34 11.48 11.68
C SER A 2 15.63 12.41 12.64
N HIS A 3 16.15 12.56 13.86
CA HIS A 3 15.55 13.45 14.85
C HIS A 3 14.05 13.21 15.00
N MET A 4 13.68 11.94 15.15
CA MET A 4 12.26 11.59 15.28
C MET A 4 11.53 12.06 16.53
N LEU A 5 12.25 12.44 17.58
CA LEU A 5 11.57 12.92 18.78
C LEU A 5 10.88 14.25 18.48
N HIS A 6 11.34 14.91 17.42
CA HIS A 6 10.77 16.18 16.99
C HIS A 6 9.80 15.97 15.82
N TRP A 7 10.25 15.26 14.79
CA TRP A 7 9.42 15.02 13.61
C TRP A 7 8.32 13.96 13.81
N GLY A 8 8.60 12.97 14.65
CA GLY A 8 7.64 11.91 14.89
C GLY A 8 6.22 12.38 15.20
N PRO A 9 6.04 13.23 16.22
CA PRO A 9 4.71 13.74 16.59
C PRO A 9 3.98 14.42 15.44
N LYS A 10 4.73 15.16 14.63
CA LYS A 10 4.13 15.86 13.50
C LYS A 10 3.48 14.89 12.52
N TYR A 11 4.16 13.78 12.25
CA TYR A 11 3.63 12.77 11.34
C TYR A 11 2.43 12.02 11.93
N TRP A 12 2.49 11.69 13.21
CA TRP A 12 1.37 11.01 13.84
C TRP A 12 0.13 11.90 13.80
N ARG A 13 0.32 13.20 14.04
CA ARG A 13 -0.79 14.13 14.02
C ARG A 13 -1.41 14.20 12.63
N SER A 14 -0.58 14.22 11.58
CA SER A 14 -1.09 14.26 10.21
C SER A 14 -1.89 12.98 9.91
N LEU A 15 -1.41 11.85 10.43
CA LEU A 15 -2.09 10.58 10.19
C LEU A 15 -3.46 10.52 10.88
N HIS A 16 -3.48 10.80 12.17
CA HIS A 16 -4.73 10.74 12.93
C HIS A 16 -5.78 11.74 12.47
N LEU A 17 -5.35 12.93 12.05
CA LEU A 17 -6.31 13.93 11.59
C LEU A 17 -6.86 13.59 10.20
N TYR A 18 -6.09 12.83 9.42
CA TYR A 18 -6.56 12.45 8.10
C TYR A 18 -7.70 11.44 8.30
N ALA A 19 -7.53 10.54 9.27
CA ALA A 19 -8.57 9.54 9.53
C ALA A 19 -9.77 10.23 10.16
N ILE A 20 -9.51 11.23 11.00
CA ILE A 20 -10.58 11.94 11.65
C ILE A 20 -11.45 12.67 10.63
N PHE A 21 -10.83 13.32 9.64
CA PHE A 21 -11.61 14.04 8.64
C PHE A 21 -12.15 13.19 7.50
N PHE A 22 -11.83 11.90 7.53
CA PHE A 22 -12.31 10.96 6.54
C PHE A 22 -13.83 10.90 6.73
N SER A 23 -14.57 10.71 5.63
CA SER A 23 -16.04 10.66 5.66
C SER A 23 -16.65 9.48 6.42
N ASP A 24 -17.84 9.70 7.00
CA ASP A 24 -18.55 8.65 7.72
C ASP A 24 -19.32 7.74 6.76
N ALA A 25 -19.42 8.17 5.51
CA ALA A 25 -20.09 7.39 4.48
C ALA A 25 -19.23 7.58 3.24
N PRO A 26 -17.96 7.15 3.31
CA PRO A 26 -17.02 7.29 2.20
C PRO A 26 -17.43 6.52 0.94
N SER A 27 -17.11 7.09 -0.21
CA SER A 27 -17.40 6.44 -1.48
C SER A 27 -16.21 5.54 -1.73
N TRP A 28 -16.32 4.64 -2.70
CA TRP A 28 -15.22 3.75 -3.00
C TRP A 28 -14.02 4.54 -3.47
N LYS A 29 -14.28 5.70 -4.09
CA LYS A 29 -13.22 6.56 -4.59
C LYS A 29 -12.41 7.13 -3.42
N GLU A 30 -13.11 7.58 -2.38
CA GLU A 30 -12.43 8.13 -1.22
C GLU A 30 -11.63 7.04 -0.49
N LYS A 31 -12.14 5.81 -0.50
CA LYS A 31 -11.42 4.72 0.14
C LYS A 31 -10.12 4.48 -0.63
N TYR A 32 -10.21 4.53 -1.96
CA TYR A 32 -9.06 4.32 -2.83
C TYR A 32 -8.02 5.42 -2.57
N GLU A 33 -8.49 6.66 -2.48
CA GLU A 33 -7.61 7.79 -2.24
C GLU A 33 -6.98 7.68 -0.85
N ALA A 34 -7.73 7.12 0.10
CA ALA A 34 -7.20 6.95 1.46
C ALA A 34 -5.99 6.02 1.41
N ILE A 35 -6.10 4.92 0.66
CA ILE A 35 -4.98 3.97 0.56
C ILE A 35 -3.77 4.63 -0.10
N GLN A 36 -3.98 5.37 -1.18
CA GLN A 36 -2.85 6.05 -1.82
C GLN A 36 -2.21 7.04 -0.85
N TRP A 37 -3.05 7.73 -0.07
CA TRP A 37 -2.56 8.71 0.87
C TRP A 37 -1.69 8.03 1.92
N ILE A 38 -2.12 6.87 2.41
CA ILE A 38 -1.35 6.15 3.41
C ILE A 38 0.00 5.75 2.81
N LEU A 39 -0.01 5.29 1.56
CA LEU A 39 1.24 4.89 0.91
C LEU A 39 2.19 6.10 0.77
N ASN A 40 1.62 7.25 0.44
CA ASN A 40 2.43 8.46 0.31
C ASN A 40 2.89 8.95 1.68
N PHE A 41 2.08 8.69 2.69
CA PHE A 41 2.44 9.09 4.05
C PHE A 41 3.67 8.30 4.51
N ILE A 42 3.67 7.00 4.25
CA ILE A 42 4.78 6.15 4.64
C ILE A 42 6.06 6.55 3.90
N GLU A 43 5.92 6.84 2.61
CA GLU A 43 7.06 7.24 1.78
C GLU A 43 7.70 8.53 2.30
N SER A 44 6.88 9.42 2.86
CA SER A 44 7.38 10.70 3.38
C SER A 44 8.12 10.60 4.71
N LEU A 45 8.00 9.47 5.40
CA LEU A 45 8.70 9.32 6.68
C LEU A 45 10.21 9.54 6.49
N PRO A 46 10.83 10.34 7.37
CA PRO A 46 12.27 10.65 7.32
C PRO A 46 13.24 9.59 7.83
N CYS A 47 12.85 8.32 7.80
CA CYS A 47 13.74 7.23 8.23
C CYS A 47 13.39 5.93 7.54
N THR A 48 14.40 5.33 6.92
CA THR A 48 14.27 4.07 6.21
C THR A 48 13.61 3.01 7.07
N ARG A 49 14.18 2.79 8.25
CA ARG A 49 13.66 1.78 9.16
C ARG A 49 12.19 2.03 9.49
N CYS A 50 11.81 3.30 9.62
CA CYS A 50 10.42 3.66 9.93
C CYS A 50 9.50 3.28 8.79
N GLN A 51 9.98 3.45 7.56
CA GLN A 51 9.20 3.13 6.38
C GLN A 51 8.96 1.63 6.26
N HIS A 52 10.01 0.85 6.50
CA HIS A 52 9.91 -0.60 6.41
C HIS A 52 8.97 -1.19 7.45
N HIS A 53 9.01 -0.67 8.66
CA HIS A 53 8.14 -1.16 9.72
C HIS A 53 6.69 -0.83 9.35
N ALA A 54 6.46 0.41 8.95
CA ALA A 54 5.12 0.85 8.58
C ALA A 54 4.59 0.01 7.41
N PHE A 55 5.45 -0.19 6.41
CA PHE A 55 5.07 -0.98 5.25
C PHE A 55 4.70 -2.39 5.70
N SER A 56 5.55 -2.99 6.51
CA SER A 56 5.29 -4.33 7.00
C SER A 56 3.97 -4.38 7.77
N TYR A 57 3.70 -3.36 8.57
CA TYR A 57 2.47 -3.33 9.34
C TYR A 57 1.25 -3.19 8.44
N LEU A 58 1.34 -2.35 7.42
CA LEU A 58 0.22 -2.15 6.51
C LEU A 58 -0.21 -3.43 5.77
N THR A 59 0.75 -4.16 5.22
CA THR A 59 0.43 -5.38 4.48
C THR A 59 -0.15 -6.49 5.35
N LYS A 60 0.21 -6.48 6.63
CA LYS A 60 -0.30 -7.49 7.56
C LYS A 60 -1.59 -7.03 8.22
N ASN A 61 -1.88 -5.74 8.15
CA ASN A 61 -3.08 -5.20 8.76
C ASN A 61 -3.81 -4.28 7.78
N PRO A 62 -4.58 -4.86 6.86
CA PRO A 62 -5.31 -4.07 5.86
C PRO A 62 -6.08 -2.90 6.48
N LEU A 63 -6.09 -1.78 5.75
CA LEU A 63 -6.79 -0.60 6.20
C LEU A 63 -8.27 -0.91 6.37
N THR A 64 -8.86 -0.37 7.43
CA THR A 64 -10.28 -0.55 7.72
C THR A 64 -10.90 0.81 7.42
N LEU A 65 -11.50 0.92 6.24
CA LEU A 65 -12.06 2.18 5.78
C LEU A 65 -13.58 2.29 5.58
N ASN A 66 -14.36 1.58 6.39
CA ASN A 66 -15.82 1.66 6.25
C ASN A 66 -16.32 3.05 6.63
N ASN A 67 -15.62 3.69 7.56
CA ASN A 67 -15.99 5.01 8.03
C ASN A 67 -14.84 5.64 8.80
N SER A 68 -15.06 6.85 9.29
CA SER A 68 -14.03 7.57 10.03
C SER A 68 -13.58 6.87 11.31
N GLU A 69 -14.52 6.43 12.14
CA GLU A 69 -14.13 5.78 13.38
C GLU A 69 -13.28 4.54 13.16
N ASP A 70 -13.60 3.77 12.12
CA ASP A 70 -12.85 2.56 11.80
C ASP A 70 -11.44 2.89 11.33
N PHE A 71 -11.31 3.95 10.55
CA PHE A 71 -10.01 4.38 10.04
C PHE A 71 -9.21 4.94 11.23
N GLN A 72 -9.89 5.70 12.09
CA GLN A 72 -9.23 6.27 13.27
C GLN A 72 -8.65 5.16 14.12
N TYR A 73 -9.43 4.10 14.34
CA TYR A 73 -8.95 2.99 15.15
C TYR A 73 -7.73 2.35 14.49
N TRP A 74 -7.78 2.20 13.16
CA TRP A 74 -6.64 1.60 12.48
C TRP A 74 -5.38 2.41 12.78
N THR A 75 -5.45 3.73 12.69
CA THR A 75 -4.27 4.56 12.95
C THR A 75 -3.85 4.48 14.42
N PHE A 76 -4.84 4.43 15.31
CA PHE A 76 -4.63 4.32 16.74
C PHE A 76 -3.87 3.02 17.08
N ALA A 77 -4.31 1.91 16.52
CA ALA A 77 -3.67 0.62 16.77
C ALA A 77 -2.27 0.58 16.18
N PHE A 78 -2.11 1.18 15.00
CA PHE A 78 -0.81 1.23 14.35
C PHE A 78 0.14 2.05 15.21
N HIS A 79 -0.37 3.16 15.73
CA HIS A 79 0.43 4.03 16.57
C HIS A 79 0.86 3.29 17.84
N ASN A 80 -0.05 2.52 18.45
CA ASN A 80 0.31 1.77 19.64
C ASN A 80 1.30 0.65 19.35
N ASN A 81 1.28 0.13 18.13
CA ASN A 81 2.21 -0.93 17.75
C ASN A 81 3.61 -0.35 17.73
N VAL A 82 3.75 0.88 17.26
CA VAL A 82 5.07 1.52 17.25
C VAL A 82 5.43 1.87 18.70
N ASN A 83 4.46 2.30 19.49
CA ASN A 83 4.74 2.62 20.89
C ASN A 83 5.33 1.38 21.57
N ASN A 84 4.72 0.23 21.30
CA ASN A 84 5.18 -1.02 21.89
C ASN A 84 6.58 -1.39 21.42
N ARG A 85 6.86 -1.21 20.12
CA ARG A 85 8.17 -1.53 19.58
C ARG A 85 9.27 -0.66 20.20
N LEU A 86 8.88 0.53 20.67
CA LEU A 86 9.83 1.46 21.27
C LEU A 86 9.71 1.42 22.79
N ASN A 87 8.96 0.45 23.28
CA ASN A 87 8.74 0.29 24.71
C ASN A 87 8.21 1.58 25.32
N LYS A 88 7.25 2.21 24.64
CA LYS A 88 6.61 3.43 25.11
C LYS A 88 5.21 3.06 25.62
N LYS A 89 4.55 3.99 26.28
CA LYS A 89 3.21 3.72 26.81
C LYS A 89 2.16 3.41 25.73
N ILE A 90 1.32 2.44 26.02
CA ILE A 90 0.24 2.03 25.13
C ILE A 90 -1.03 2.68 25.70
N ILE A 91 -1.48 3.77 25.08
CA ILE A 91 -2.66 4.46 25.57
C ILE A 91 -3.96 3.74 25.24
N SER A 92 -4.99 4.04 26.00
CA SER A 92 -6.30 3.40 25.80
C SER A 92 -7.10 4.14 24.74
N TRP A 93 -8.10 3.46 24.18
CA TRP A 93 -8.96 4.05 23.16
C TRP A 93 -9.59 5.33 23.69
N SER A 94 -10.12 5.27 24.92
CA SER A 94 -10.74 6.43 25.52
C SER A 94 -9.76 7.60 25.70
N GLU A 95 -8.49 7.30 25.94
CA GLU A 95 -7.52 8.37 26.09
C GLU A 95 -7.30 9.00 24.73
N TYR A 96 -7.28 8.16 23.70
CA TYR A 96 -7.12 8.64 22.34
C TYR A 96 -8.26 9.63 22.07
N LYS A 97 -9.48 9.22 22.38
CA LYS A 97 -10.65 10.07 22.15
C LYS A 97 -10.58 11.39 22.91
N ASN A 98 -10.01 11.37 24.12
CA ASN A 98 -9.89 12.60 24.87
C ASN A 98 -8.83 13.49 24.20
N ILE A 99 -7.74 12.88 23.75
CA ILE A 99 -6.66 13.63 23.12
C ILE A 99 -7.10 14.33 21.84
N TYR A 100 -7.90 13.66 21.02
CA TYR A 100 -8.36 14.25 19.75
C TYR A 100 -9.82 14.69 19.73
N GLU A 101 -10.43 14.77 20.91
CA GLU A 101 -11.84 15.14 21.03
C GLU A 101 -12.25 16.44 20.34
N GLN A 102 -11.42 17.48 20.43
CA GLN A 102 -11.76 18.76 19.84
C GLN A 102 -11.86 18.76 18.31
N SER A 103 -11.35 17.70 17.67
CA SER A 103 -11.42 17.61 16.21
C SER A 103 -12.43 16.57 15.75
N ILE A 104 -12.78 15.66 16.65
CA ILE A 104 -13.75 14.63 16.36
C ILE A 104 -15.14 15.26 16.51
N LEU A 105 -15.57 15.96 15.46
CA LEU A 105 -16.87 16.65 15.44
C LEU A 105 -17.87 15.73 14.75
N LYS A 106 -17.50 14.46 14.72
CA LYS A 106 -18.27 13.38 14.11
C LYS A 106 -19.48 13.85 13.35
N HIS B 3 15.54 -20.36 -4.19
CA HIS B 3 14.17 -20.25 -3.62
C HIS B 3 13.23 -19.49 -4.55
N MET B 4 13.51 -18.19 -4.75
CA MET B 4 12.68 -17.37 -5.63
C MET B 4 12.87 -17.76 -7.10
N LEU B 5 13.89 -18.56 -7.38
CA LEU B 5 14.14 -19.00 -8.74
C LEU B 5 12.93 -19.81 -9.19
N HIS B 6 12.35 -20.54 -8.25
CA HIS B 6 11.18 -21.37 -8.51
C HIS B 6 9.88 -20.60 -8.34
N TRP B 7 9.73 -19.91 -7.21
CA TRP B 7 8.51 -19.19 -6.92
C TRP B 7 8.30 -17.86 -7.63
N GLY B 8 9.38 -17.18 -8.00
CA GLY B 8 9.27 -15.92 -8.68
C GLY B 8 8.36 -15.98 -9.90
N PRO B 9 8.64 -16.86 -10.86
CA PRO B 9 7.80 -16.98 -12.05
C PRO B 9 6.31 -17.19 -11.74
N LYS B 10 6.02 -17.92 -10.68
CA LYS B 10 4.62 -18.18 -10.31
C LYS B 10 3.92 -16.94 -9.79
N TYR B 11 4.59 -16.15 -8.95
CA TYR B 11 3.98 -14.93 -8.45
C TYR B 11 3.85 -13.90 -9.56
N TRP B 12 4.80 -13.90 -10.50
CA TRP B 12 4.72 -12.98 -11.62
C TRP B 12 3.49 -13.32 -12.47
N ARG B 13 3.28 -14.60 -12.72
CA ARG B 13 2.12 -15.02 -13.53
C ARG B 13 0.83 -14.66 -12.83
N SER B 14 0.83 -14.80 -11.51
CA SER B 14 -0.36 -14.46 -10.73
C SER B 14 -0.65 -12.96 -10.88
N LEU B 15 0.41 -12.14 -10.87
CA LEU B 15 0.25 -10.71 -11.02
C LEU B 15 -0.22 -10.31 -12.41
N HIS B 16 0.42 -10.87 -13.43
CA HIS B 16 0.05 -10.52 -14.80
C HIS B 16 -1.36 -10.98 -15.16
N LEU B 17 -1.73 -12.17 -14.71
CA LEU B 17 -3.07 -12.65 -15.01
C LEU B 17 -4.12 -11.77 -14.33
N TYR B 18 -3.82 -11.36 -13.10
CA TYR B 18 -4.76 -10.51 -12.38
C TYR B 18 -5.08 -9.27 -13.19
N ALA B 19 -4.06 -8.60 -13.72
CA ALA B 19 -4.26 -7.41 -14.52
C ALA B 19 -5.01 -7.76 -15.80
N ILE B 20 -4.73 -8.95 -16.33
CA ILE B 20 -5.39 -9.40 -17.55
C ILE B 20 -6.89 -9.63 -17.32
N PHE B 21 -7.25 -10.15 -16.15
CA PHE B 21 -8.65 -10.43 -15.87
C PHE B 21 -9.37 -9.27 -15.19
N PHE B 22 -8.74 -8.09 -15.25
CA PHE B 22 -9.27 -6.86 -14.66
C PHE B 22 -10.19 -6.17 -15.69
N SER B 23 -11.30 -5.62 -15.21
CA SER B 23 -12.29 -4.95 -16.08
C SER B 23 -11.75 -3.84 -16.97
N ASP B 24 -12.38 -3.67 -18.14
CA ASP B 24 -12.00 -2.63 -19.09
C ASP B 24 -12.88 -1.41 -18.87
N ALA B 25 -13.71 -1.48 -17.85
CA ALA B 25 -14.62 -0.39 -17.49
C ALA B 25 -14.80 -0.50 -15.98
N PRO B 26 -13.69 -0.54 -15.24
CA PRO B 26 -13.70 -0.66 -13.78
C PRO B 26 -14.44 0.42 -13.01
N SER B 27 -15.07 0.02 -11.91
CA SER B 27 -15.79 0.94 -11.04
C SER B 27 -14.76 1.26 -9.97
N TRP B 28 -15.04 2.26 -9.14
CA TRP B 28 -14.09 2.59 -8.09
C TRP B 28 -13.92 1.45 -7.10
N LYS B 29 -14.97 0.64 -6.96
CA LYS B 29 -14.92 -0.50 -6.05
C LYS B 29 -13.88 -1.51 -6.55
N GLU B 30 -13.86 -1.72 -7.85
CA GLU B 30 -12.91 -2.66 -8.46
C GLU B 30 -11.48 -2.13 -8.38
N LYS B 31 -11.32 -0.83 -8.55
CA LYS B 31 -10.00 -0.21 -8.47
C LYS B 31 -9.51 -0.36 -7.04
N TYR B 32 -10.41 -0.16 -6.08
CA TYR B 32 -10.06 -0.29 -4.68
C TYR B 32 -9.64 -1.72 -4.35
N GLU B 33 -10.37 -2.70 -4.87
CA GLU B 33 -10.05 -4.10 -4.62
C GLU B 33 -8.76 -4.49 -5.33
N ALA B 34 -8.45 -3.79 -6.42
CA ALA B 34 -7.25 -4.06 -7.19
C ALA B 34 -6.02 -3.59 -6.43
N ILE B 35 -6.08 -2.40 -5.84
CA ILE B 35 -4.93 -1.90 -5.09
C ILE B 35 -4.75 -2.71 -3.81
N GLN B 36 -5.83 -3.18 -3.22
CA GLN B 36 -5.72 -3.97 -2.00
C GLN B 36 -5.11 -5.33 -2.35
N TRP B 37 -5.48 -5.86 -3.51
CA TRP B 37 -4.95 -7.14 -3.98
C TRP B 37 -3.45 -7.04 -4.17
N ILE B 38 -2.99 -5.88 -4.65
CA ILE B 38 -1.58 -5.64 -4.89
C ILE B 38 -0.81 -5.65 -3.57
N LEU B 39 -1.32 -4.95 -2.57
CA LEU B 39 -0.67 -4.92 -1.27
C LEU B 39 -0.62 -6.35 -0.72
N ASN B 40 -1.71 -7.08 -0.88
CA ASN B 40 -1.79 -8.46 -0.41
C ASN B 40 -0.81 -9.34 -1.18
N PHE B 41 -0.64 -9.03 -2.46
CA PHE B 41 0.28 -9.77 -3.32
C PHE B 41 1.70 -9.56 -2.82
N ILE B 42 2.02 -8.32 -2.47
CA ILE B 42 3.35 -7.97 -1.97
C ILE B 42 3.59 -8.64 -0.62
N GLU B 43 2.55 -8.72 0.20
CA GLU B 43 2.66 -9.35 1.52
C GLU B 43 2.94 -10.84 1.41
N SER B 44 2.50 -11.44 0.30
CA SER B 44 2.68 -12.87 0.06
C SER B 44 4.10 -13.27 -0.32
N LEU B 45 4.78 -12.40 -1.07
CA LEU B 45 6.15 -12.69 -1.51
C LEU B 45 7.02 -13.21 -0.38
N PRO B 46 7.52 -14.45 -0.50
CA PRO B 46 8.38 -15.05 0.54
C PRO B 46 9.82 -14.60 0.32
N CYS B 47 10.03 -13.29 0.35
CA CYS B 47 11.35 -12.73 0.11
C CYS B 47 11.41 -11.31 0.63
N THR B 48 12.29 -11.09 1.60
CA THR B 48 12.45 -9.78 2.23
C THR B 48 12.81 -8.65 1.27
N ARG B 49 13.92 -8.80 0.55
CA ARG B 49 14.37 -7.77 -0.38
C ARG B 49 13.32 -7.47 -1.45
N CYS B 50 12.65 -8.50 -1.93
CA CYS B 50 11.62 -8.35 -2.95
C CYS B 50 10.49 -7.45 -2.47
N GLN B 51 9.97 -7.73 -1.26
CA GLN B 51 8.89 -6.92 -0.71
C GLN B 51 9.30 -5.47 -0.50
N HIS B 52 10.54 -5.25 -0.07
CA HIS B 52 11.01 -3.90 0.14
C HIS B 52 11.10 -3.13 -1.17
N HIS B 53 11.64 -3.77 -2.20
CA HIS B 53 11.73 -3.10 -3.50
C HIS B 53 10.33 -2.88 -4.07
N ALA B 54 9.47 -3.89 -3.97
CA ALA B 54 8.11 -3.80 -4.49
C ALA B 54 7.35 -2.60 -3.95
N PHE B 55 7.54 -2.31 -2.67
CA PHE B 55 6.86 -1.19 -2.03
C PHE B 55 7.37 0.15 -2.50
N SER B 56 8.69 0.27 -2.65
CA SER B 56 9.28 1.51 -3.10
C SER B 56 8.79 1.80 -4.51
N TYR B 57 8.64 0.74 -5.30
CA TYR B 57 8.19 0.90 -6.68
C TYR B 57 6.75 1.39 -6.72
N LEU B 58 5.91 0.77 -5.90
CA LEU B 58 4.49 1.09 -5.84
C LEU B 58 4.20 2.52 -5.39
N THR B 59 4.90 2.99 -4.37
CA THR B 59 4.66 4.34 -3.87
C THR B 59 5.17 5.36 -4.86
N LYS B 60 6.25 5.03 -5.55
CA LYS B 60 6.84 5.93 -6.53
C LYS B 60 6.16 5.84 -7.90
N ASN B 61 5.46 4.75 -8.14
CA ASN B 61 4.77 4.56 -9.42
C ASN B 61 3.34 4.09 -9.23
N PRO B 62 2.43 5.01 -8.90
CA PRO B 62 1.01 4.73 -8.67
C PRO B 62 0.39 3.79 -9.70
N LEU B 63 -0.54 2.96 -9.24
CA LEU B 63 -1.22 2.03 -10.13
C LEU B 63 -2.04 2.77 -11.20
N THR B 64 -2.01 2.26 -12.42
CA THR B 64 -2.78 2.83 -13.52
C THR B 64 -3.88 1.79 -13.80
N LEU B 65 -5.09 2.08 -13.33
CA LEU B 65 -6.22 1.15 -13.45
C LEU B 65 -7.43 1.63 -14.26
N ASN B 66 -7.23 2.48 -15.26
CA ASN B 66 -8.37 2.96 -16.05
C ASN B 66 -9.00 1.83 -16.85
N ASN B 67 -8.24 0.77 -17.07
CA ASN B 67 -8.74 -0.40 -17.81
C ASN B 67 -7.71 -1.52 -17.70
N SER B 68 -8.04 -2.67 -18.26
CA SER B 68 -7.16 -3.83 -18.17
C SER B 68 -5.74 -3.66 -18.71
N GLU B 69 -5.59 -3.23 -19.97
CA GLU B 69 -4.25 -3.10 -20.52
C GLU B 69 -3.46 -1.99 -19.83
N ASP B 70 -4.15 -1.03 -19.23
CA ASP B 70 -3.47 0.03 -18.51
C ASP B 70 -2.79 -0.65 -17.32
N PHE B 71 -3.54 -1.54 -16.68
CA PHE B 71 -3.07 -2.29 -15.52
C PHE B 71 -1.99 -3.27 -15.97
N GLN B 72 -2.20 -3.92 -17.12
CA GLN B 72 -1.22 -4.86 -17.64
C GLN B 72 0.10 -4.14 -17.86
N TYR B 73 0.04 -2.98 -18.50
CA TYR B 73 1.24 -2.20 -18.77
C TYR B 73 1.98 -1.95 -17.46
N TRP B 74 1.24 -1.51 -16.44
CA TRP B 74 1.83 -1.23 -15.14
C TRP B 74 2.62 -2.43 -14.61
N THR B 75 2.03 -3.63 -14.70
CA THR B 75 2.72 -4.82 -14.20
C THR B 75 3.91 -5.16 -15.09
N PHE B 76 3.76 -4.89 -16.39
CA PHE B 76 4.82 -5.13 -17.38
C PHE B 76 6.04 -4.25 -17.06
N ALA B 77 5.78 -2.98 -16.76
CA ALA B 77 6.86 -2.05 -16.43
C ALA B 77 7.52 -2.42 -15.10
N PHE B 78 6.71 -2.78 -14.12
CA PHE B 78 7.23 -3.18 -12.83
C PHE B 78 8.13 -4.41 -13.01
N HIS B 79 7.64 -5.40 -13.73
CA HIS B 79 8.40 -6.62 -13.97
C HIS B 79 9.73 -6.31 -14.69
N ASN B 80 9.69 -5.42 -15.68
CA ASN B 80 10.91 -5.05 -16.39
C ASN B 80 11.88 -4.28 -15.50
N ASN B 81 11.36 -3.53 -14.53
CA ASN B 81 12.20 -2.76 -13.61
C ASN B 81 12.99 -3.73 -12.75
N VAL B 82 12.36 -4.83 -12.37
CA VAL B 82 13.04 -5.84 -11.57
C VAL B 82 14.03 -6.55 -12.49
N ASN B 83 13.61 -6.85 -13.71
CA ASN B 83 14.49 -7.49 -14.67
C ASN B 83 15.76 -6.62 -14.80
N ASN B 84 15.56 -5.33 -15.02
CA ASN B 84 16.70 -4.43 -15.16
C ASN B 84 17.62 -4.48 -13.94
N ARG B 85 17.04 -4.48 -12.74
CA ARG B 85 17.85 -4.53 -11.52
C ARG B 85 18.62 -5.85 -11.38
N LEU B 86 18.03 -6.94 -11.82
CA LEU B 86 18.68 -8.25 -11.72
C LEU B 86 19.50 -8.53 -12.97
N ASN B 87 19.62 -7.54 -13.83
CA ASN B 87 20.37 -7.66 -15.06
C ASN B 87 19.83 -8.79 -15.96
N LYS B 88 18.49 -8.92 -15.96
CA LYS B 88 17.84 -9.91 -16.82
C LYS B 88 17.34 -9.18 -18.05
N LYS B 89 16.93 -9.93 -19.07
CA LYS B 89 16.44 -9.32 -20.29
C LYS B 89 15.21 -8.42 -20.07
N ILE B 90 15.27 -7.23 -20.64
CA ILE B 90 14.16 -6.29 -20.56
C ILE B 90 13.38 -6.60 -21.83
N ILE B 91 12.18 -7.16 -21.69
CA ILE B 91 11.41 -7.53 -22.87
C ILE B 91 10.56 -6.40 -23.43
N SER B 92 10.31 -6.49 -24.73
CA SER B 92 9.52 -5.48 -25.42
C SER B 92 8.04 -5.73 -25.18
N TRP B 93 7.24 -4.70 -25.42
CA TRP B 93 5.80 -4.81 -25.27
C TRP B 93 5.29 -5.89 -26.22
N SER B 94 5.80 -5.94 -27.45
CA SER B 94 5.33 -6.95 -28.38
C SER B 94 5.64 -8.36 -27.87
N GLU B 95 6.77 -8.55 -27.18
CA GLU B 95 7.10 -9.87 -26.67
C GLU B 95 6.19 -10.21 -25.48
N TYR B 96 5.80 -9.18 -24.73
CA TYR B 96 4.91 -9.38 -23.61
C TYR B 96 3.60 -9.94 -24.15
N LYS B 97 3.05 -9.27 -25.17
CA LYS B 97 1.80 -9.72 -25.75
C LYS B 97 1.86 -11.13 -26.32
N ASN B 98 2.98 -11.51 -26.92
CA ASN B 98 3.10 -12.88 -27.45
C ASN B 98 3.07 -13.87 -26.29
N ILE B 99 3.82 -13.58 -25.23
CA ILE B 99 3.87 -14.46 -24.06
C ILE B 99 2.50 -14.70 -23.43
N TYR B 100 1.69 -13.64 -23.33
CA TYR B 100 0.36 -13.74 -22.73
C TYR B 100 -0.78 -13.66 -23.73
N GLU B 101 -0.46 -13.89 -25.01
CA GLU B 101 -1.46 -13.81 -26.08
C GLU B 101 -2.71 -14.66 -25.86
N GLN B 102 -2.53 -15.89 -25.39
CA GLN B 102 -3.66 -16.78 -25.17
C GLN B 102 -4.57 -16.30 -24.04
N SER B 103 -3.97 -15.71 -23.00
CA SER B 103 -4.72 -15.22 -21.86
C SER B 103 -5.44 -13.90 -22.17
N ILE B 104 -4.74 -12.98 -22.82
CA ILE B 104 -5.30 -11.68 -23.17
C ILE B 104 -6.58 -11.84 -23.97
PA FAD C . 4.41 10.13 19.74
O1A FAD C . 4.31 8.65 19.72
O2A FAD C . 5.20 11.07 18.88
O5B FAD C . 3.17 11.00 20.15
C5B FAD C . 2.12 11.70 19.47
C4B FAD C . 1.28 11.93 20.72
O4B FAD C . 0.03 11.30 20.33
C3B FAD C . 1.32 11.70 22.26
O3B FAD C . 2.18 12.57 23.00
C2B FAD C . -0.04 11.46 22.72
O2B FAD C . -0.69 12.71 22.77
C1B FAD C . -0.59 10.72 21.49
N9A FAD C . -0.56 9.31 21.29
C8A FAD C . 0.20 8.24 21.83
N7A FAD C . -0.10 7.01 21.51
C5A FAD C . -1.14 7.19 20.60
C6A FAD C . -2.03 6.40 19.85
N6A FAD C . -1.95 5.06 19.88
N1A FAD C . -2.95 6.97 18.99
C2A FAD C . -3.12 8.30 18.82
N3A FAD C . -2.27 9.10 19.59
C4A FAD C . -1.34 8.49 20.47
N1 FAD C . 10.93 6.28 16.00
C2 FAD C . 12.02 5.45 16.20
O2 FAD C . 12.97 5.78 16.91
N3 FAD C . 11.97 4.31 15.41
C4 FAD C . 10.92 4.01 14.50
O4 FAD C . 11.02 2.94 13.82
C4X FAD C . 9.87 4.90 14.36
N5 FAD C . 8.78 4.67 13.46
C5X FAD C . 7.73 5.57 13.18
C6 FAD C . 6.77 5.18 12.23
C7 FAD C . 5.74 6.12 11.94
C7M FAD C . 4.76 5.60 10.89
C8 FAD C . 5.70 7.42 12.51
C8M FAD C . 4.71 8.56 12.30
C9 FAD C . 6.69 7.73 13.45
C9A FAD C . 7.72 6.87 13.89
N10 FAD C . 8.83 6.96 14.87
C10 FAD C . 9.90 6.12 15.11
C1' FAD C . 8.70 7.99 15.85
C2' FAD C . 7.99 7.77 17.15
O2' FAD C . 6.78 6.98 16.94
C3' FAD C . 7.62 8.96 17.99
O3' FAD C . 6.90 9.89 17.19
C4' FAD C . 8.73 9.62 18.80
O4' FAD C . 9.66 8.71 19.45
C5' FAD C . 8.35 10.67 19.76
O5' FAD C . 7.54 10.15 20.83
P FAD C . 6.50 10.95 21.66
O1P FAD C . 6.79 10.48 23.00
O2P FAD C . 6.50 12.41 21.40
O3P FAD C . 5.01 10.54 21.16
PA FAD D . 10.90 -14.08 -14.24
O1A FAD D . 11.58 -12.76 -14.21
O2A FAD D . 10.61 -15.07 -13.16
O5B FAD D . 10.37 -14.76 -15.53
C5B FAD D . 8.96 -14.80 -15.68
C4B FAD D . 8.81 -15.27 -17.11
O4B FAD D . 7.89 -14.18 -17.39
C3B FAD D . 9.80 -15.18 -18.30
O3B FAD D . 10.23 -16.55 -18.44
C2B FAD D . 9.07 -14.55 -19.39
O2B FAD D . 8.24 -15.45 -20.06
C1B FAD D . 8.26 -13.51 -18.60
N9A FAD D . 8.61 -12.14 -18.40
C8A FAD D . 9.87 -11.48 -18.31
N7A FAD D . 9.88 -10.18 -18.18
C5A FAD D . 8.51 -9.88 -18.18
C6A FAD D . 7.71 -8.72 -18.15
N6A FAD D . 8.31 -7.52 -18.07
N1A FAD D . 6.33 -8.74 -18.16
C2A FAD D . 5.64 -9.92 -18.25
N3A FAD D . 6.39 -11.09 -18.30
C4A FAD D . 7.82 -11.00 -18.29
N1 FAD D . 14.52 -11.59 -7.00
C2 FAD D . 15.65 -11.04 -6.44
O2 FAD D . 16.59 -11.84 -6.42
N3 FAD D . 15.45 -9.73 -6.02
C4 FAD D . 14.21 -9.04 -6.09
O4 FAD D . 14.18 -7.83 -5.69
C4X FAD D . 13.11 -9.67 -6.62
N5 FAD D . 11.80 -9.10 -6.65
C5X FAD D . 10.61 -9.74 -7.05
C6 FAD D . 9.39 -9.03 -6.96
C7 FAD D . 8.20 -9.71 -7.34
C7M FAD D . 6.94 -8.84 -7.27
C8 FAD D . 8.23 -11.06 -7.79
C8M FAD D . 7.13 -11.96 -8.31
C9 FAD D . 9.46 -11.73 -7.87
C9A FAD D . 10.70 -11.14 -7.54
N10 FAD D . 12.12 -11.57 -7.58
C10 FAD D . 13.27 -11.01 -7.11
C1' FAD D . 12.40 -12.67 -8.44
C2' FAD D . 12.67 -12.57 -9.91
O2' FAD D . 12.05 -11.36 -10.43
C3' FAD D . 12.49 -13.81 -10.73
O3' FAD D . 11.11 -14.18 -10.74
C4' FAD D . 13.49 -14.95 -10.59
O4' FAD D . 14.86 -14.60 -10.21
C5' FAD D . 13.57 -16.03 -11.59
O5' FAD D . 13.96 -15.43 -12.84
P FAD D . 13.37 -15.79 -14.24
O1P FAD D . 14.54 -15.73 -15.12
O2P FAD D . 12.65 -17.09 -14.31
O3P FAD D . 12.22 -14.79 -14.76
#